data_8RX7
#
_entry.id   8RX7
#
_cell.length_a   77.361
_cell.length_b   87.325
_cell.length_c   98.932
_cell.angle_alpha   90.00
_cell.angle_beta   90.00
_cell.angle_gamma   90.00
#
_symmetry.space_group_name_H-M   'P 21 21 21'
#
loop_
_entity.id
_entity.type
_entity.pdbx_description
1 polymer 'Leukotriene A-4 hydrolase'
2 non-polymer 'ZINC ION'
3 non-polymer 'ACETATE ION'
4 non-polymer 'YTTERBIUM (III) ION'
5 non-polymer IMIDAZOLE
6 non-polymer 5-(4-phenoxyphenyl)-1~{H}-imidazole
7 water water
#
_entity_poly.entity_id   1
_entity_poly.type   'polypeptide(L)'
_entity_poly.pdbx_seq_one_letter_code
;GPGPEIVDTCSLASPASVCRTKHLHLRCSVDFTRRTLTGTAALTVQSQEDNLRSLVLDTKDLTIEKVVINGQEVKYALGE
RQSYKGSPMEISLPIALSKNQEIVIEISFETSPKSSALQWLTPEQTSGKEHPYLFSQCQAIHCRAILPCQDTPSVKLTYT
AEVSVPKELVALMSAIRDGETPDPEDPSRKIYKFIQKVPIPCYLIALVVGALESRQIGPRTLVWSEKEQVEKSAYEFSET
ESMLKIAEDLGGPYVWGQYDLLVLPPSFPYGGMENPCLTFVTPTLLAGDKSLSNVIAHEISHSWTGNLVTNKTWDHFWLN
EGHTVYLERHICGRLFGEKFRHFNALGGWGELQNSVKTFGETHPFTKLVVDLTDIDPDVAYSSVPYEKGFALLFYLEQLL
GGPEIFLGFLKAYVEKFSYKSITTDDWKDFLYSYFKDKVDVLNQVDWNAWLYSPGLPPIKPNYDMTLTNACIALSQRWIT
AKEDDLNSFNATDLKDLSSHQLNEFLAQTLQRAPLPLGHIKRMQEVYNFNAINNSEIRFRWLRLCIQSKWEDAIPLALKM
ATEQGRMKFTRPLFKDLAAFDKSHDQAVRTYQEHKASMHPVTAMLVGKDLKVD
;
_entity_poly.pdbx_strand_id   A
#
loop_
_chem_comp.id
_chem_comp.type
_chem_comp.name
_chem_comp.formula
A1H3S non-polymer 5-(4-phenoxyphenyl)-1~{H}-imidazole 'C15 H12 N2 O'
ACT non-polymer 'ACETATE ION' 'C2 H3 O2 -1'
IMD non-polymer IMIDAZOLE 'C3 H5 N2 1'
YB non-polymer 'YTTERBIUM (III) ION' 'Yb 3'
ZN non-polymer 'ZINC ION' 'Zn 2'
#
# COMPACT_ATOMS: atom_id res chain seq x y z
N VAL A 7 7.78 -0.40 -22.49
CA VAL A 7 8.94 -0.94 -21.77
C VAL A 7 8.90 -0.85 -20.22
N ASP A 8 8.68 -1.98 -19.56
CA ASP A 8 8.67 -2.02 -18.09
C ASP A 8 10.10 -2.33 -17.63
N THR A 9 10.81 -1.31 -17.16
CA THR A 9 12.21 -1.42 -16.72
C THR A 9 12.41 -2.14 -15.38
N CYS A 10 11.31 -2.51 -14.70
CA CYS A 10 11.37 -3.25 -13.44
C CYS A 10 11.20 -4.74 -13.67
N SER A 11 10.80 -5.15 -14.89
CA SER A 11 10.57 -6.57 -15.17
C SER A 11 11.63 -7.14 -16.12
N LEU A 12 11.98 -8.41 -15.91
CA LEU A 12 12.95 -9.12 -16.76
C LEU A 12 12.21 -10.10 -17.68
N ALA A 13 10.87 -10.17 -17.56
CA ALA A 13 10.03 -11.06 -18.37
C ALA A 13 9.75 -10.55 -19.81
N SER A 14 9.25 -11.45 -20.67
CA SER A 14 8.83 -11.09 -22.02
C SER A 14 7.73 -10.05 -21.85
N PRO A 15 7.82 -8.96 -22.62
CA PRO A 15 6.81 -7.90 -22.50
C PRO A 15 5.48 -8.34 -23.13
N ALA A 16 4.43 -7.57 -22.88
CA ALA A 16 3.07 -7.84 -23.36
C ALA A 16 2.95 -7.83 -24.90
N SER A 17 3.90 -7.22 -25.61
CA SER A 17 3.96 -7.16 -27.08
C SER A 17 4.43 -8.51 -27.68
N VAL A 18 5.04 -9.39 -26.87
CA VAL A 18 5.56 -10.71 -27.24
C VAL A 18 4.53 -11.80 -26.86
N CYS A 19 4.16 -11.84 -25.57
CA CYS A 19 3.17 -12.80 -25.07
C CYS A 19 2.46 -12.22 -23.85
N ARG A 20 1.26 -12.72 -23.56
CA ARG A 20 0.51 -12.24 -22.39
C ARG A 20 -0.06 -13.40 -21.63
N THR A 21 0.09 -13.37 -20.30
CA THR A 21 -0.54 -14.35 -19.43
C THR A 21 -2.02 -13.97 -19.35
N LYS A 22 -2.87 -14.92 -19.65
CA LYS A 22 -4.32 -14.77 -19.63
C LYS A 22 -4.90 -15.32 -18.32
N HIS A 23 -4.32 -16.39 -17.78
CA HIS A 23 -4.85 -17.02 -16.57
C HIS A 23 -3.74 -17.71 -15.79
N LEU A 24 -3.91 -17.77 -14.48
CA LEU A 24 -3.02 -18.52 -13.59
C LEU A 24 -3.88 -19.50 -12.82
N HIS A 25 -3.46 -20.76 -12.80
CA HIS A 25 -4.10 -21.73 -11.93
C HIS A 25 -2.99 -22.15 -10.96
N LEU A 26 -3.14 -21.75 -9.70
CA LEU A 26 -2.17 -22.04 -8.65
C LEU A 26 -2.61 -23.19 -7.75
N ARG A 27 -1.76 -24.20 -7.60
CA ARG A 27 -1.99 -25.33 -6.70
C ARG A 27 -0.79 -25.35 -5.80
N CYS A 28 -0.98 -25.01 -4.53
CA CYS A 28 0.15 -24.97 -3.62
C CYS A 28 -0.16 -25.45 -2.22
N SER A 29 0.89 -25.74 -1.47
CA SER A 29 0.82 -26.19 -0.09
C SER A 29 1.69 -25.24 0.73
N VAL A 30 1.17 -24.81 1.89
CA VAL A 30 1.86 -23.89 2.80
C VAL A 30 2.56 -24.73 3.86
N ASP A 31 3.89 -24.76 3.82
CA ASP A 31 4.68 -25.55 4.76
C ASP A 31 5.34 -24.65 5.79
N PHE A 32 4.73 -24.58 6.99
CA PHE A 32 5.18 -23.74 8.10
C PHE A 32 6.51 -24.18 8.70
N THR A 33 6.77 -25.49 8.73
CA THR A 33 8.04 -26.00 9.26
C THR A 33 9.24 -25.59 8.39
N ARG A 34 9.08 -25.65 7.06
CA ARG A 34 10.14 -25.26 6.11
C ARG A 34 10.09 -23.79 5.70
N ARG A 35 8.97 -23.10 6.03
CA ARG A 35 8.71 -21.69 5.63
C ARG A 35 8.79 -21.59 4.09
N THR A 36 8.05 -22.45 3.43
CA THR A 36 7.99 -22.47 1.97
C THR A 36 6.59 -22.73 1.48
N LEU A 37 6.29 -22.18 0.32
CA LEU A 37 5.07 -22.42 -0.45
C LEU A 37 5.56 -23.35 -1.57
N THR A 38 4.99 -24.55 -1.66
CA THR A 38 5.37 -25.54 -2.66
C THR A 38 4.18 -25.85 -3.54
N GLY A 39 4.40 -25.85 -4.84
CA GLY A 39 3.32 -26.18 -5.75
C GLY A 39 3.59 -25.97 -7.22
N THR A 40 2.50 -25.78 -7.98
CA THR A 40 2.55 -25.57 -9.42
C THR A 40 1.79 -24.33 -9.79
N ALA A 41 2.38 -23.54 -10.68
CA ALA A 41 1.74 -22.36 -11.23
C ALA A 41 1.54 -22.72 -12.70
N ALA A 42 0.26 -22.89 -13.09
CA ALA A 42 -0.08 -23.23 -14.46
C ALA A 42 -0.53 -21.93 -15.12
N LEU A 43 0.32 -21.42 -16.03
CA LEU A 43 0.11 -20.17 -16.73
C LEU A 43 -0.43 -20.40 -18.13
N THR A 44 -1.62 -19.83 -18.43
CA THR A 44 -2.20 -19.85 -19.76
C THR A 44 -1.63 -18.62 -20.45
N VAL A 45 -0.74 -18.83 -21.42
CA VAL A 45 -0.06 -17.73 -22.09
C VAL A 45 -0.53 -17.65 -23.54
N GLN A 46 -0.80 -16.42 -23.99
CA GLN A 46 -1.21 -16.15 -25.36
C GLN A 46 -0.06 -15.47 -26.10
N SER A 47 0.35 -16.05 -27.23
CA SER A 47 1.40 -15.45 -28.07
C SER A 47 0.86 -14.19 -28.77
N GLN A 48 1.67 -13.15 -28.83
CA GLN A 48 1.28 -11.92 -29.55
C GLN A 48 2.11 -11.82 -30.83
N GLU A 49 2.88 -12.87 -31.13
CA GLU A 49 3.78 -12.88 -32.27
C GLU A 49 3.71 -14.17 -33.06
N ASP A 50 4.16 -14.09 -34.29
CA ASP A 50 4.26 -15.27 -35.11
C ASP A 50 5.55 -16.02 -34.74
N ASN A 51 5.52 -17.36 -34.85
CA ASN A 51 6.66 -18.24 -34.64
C ASN A 51 7.34 -18.04 -33.29
N LEU A 52 6.54 -17.96 -32.21
CA LEU A 52 7.08 -17.78 -30.87
C LEU A 52 7.60 -19.12 -30.35
N ARG A 53 8.90 -19.19 -30.01
CA ARG A 53 9.54 -20.45 -29.56
C ARG A 53 10.05 -20.48 -28.14
N SER A 54 10.06 -19.32 -27.47
CA SER A 54 10.51 -19.23 -26.10
C SER A 54 9.94 -17.98 -25.44
N LEU A 55 9.99 -17.94 -24.14
CA LEU A 55 9.54 -16.76 -23.41
C LEU A 55 10.29 -16.66 -22.11
N VAL A 56 10.24 -15.49 -21.51
CA VAL A 56 10.95 -15.23 -20.27
C VAL A 56 9.97 -14.82 -19.19
N LEU A 57 10.19 -15.38 -17.99
CA LEU A 57 9.39 -15.02 -16.82
C LEU A 57 10.30 -14.46 -15.74
N ASP A 58 9.71 -13.66 -14.85
CA ASP A 58 10.38 -13.10 -13.68
C ASP A 58 10.32 -14.16 -12.58
N THR A 59 11.36 -14.25 -11.79
CA THR A 59 11.43 -15.13 -10.60
C THR A 59 12.36 -14.42 -9.63
N LYS A 60 12.24 -14.70 -8.32
CA LYS A 60 13.14 -14.13 -7.31
C LYS A 60 13.25 -15.11 -6.17
N ASP A 61 14.44 -15.71 -6.02
CA ASP A 61 14.71 -16.70 -4.96
C ASP A 61 13.76 -17.91 -5.00
N LEU A 62 13.30 -18.30 -6.19
CA LEU A 62 12.45 -19.48 -6.35
C LEU A 62 13.30 -20.65 -6.74
N THR A 63 12.94 -21.82 -6.23
CA THR A 63 13.57 -23.07 -6.63
C THR A 63 12.63 -23.71 -7.64
N ILE A 64 13.10 -23.94 -8.86
CA ILE A 64 12.30 -24.55 -9.92
C ILE A 64 12.62 -26.04 -10.00
N GLU A 65 11.58 -26.88 -9.93
CA GLU A 65 11.71 -28.34 -9.98
C GLU A 65 11.69 -28.82 -11.43
N LYS A 66 10.70 -28.34 -12.20
CA LYS A 66 10.47 -28.69 -13.60
C LYS A 66 9.45 -27.76 -14.24
N VAL A 67 9.40 -27.80 -15.58
CA VAL A 67 8.44 -27.05 -16.41
C VAL A 67 7.81 -28.07 -17.35
N VAL A 68 6.48 -28.21 -17.28
CA VAL A 68 5.73 -29.17 -18.09
C VAL A 68 4.77 -28.44 -19.01
N ILE A 69 4.83 -28.76 -20.31
CA ILE A 69 3.95 -28.23 -21.36
C ILE A 69 3.47 -29.42 -22.17
N ASN A 70 2.14 -29.58 -22.32
CA ASN A 70 1.49 -30.68 -23.06
C ASN A 70 1.91 -32.06 -22.53
N GLY A 71 2.03 -32.17 -21.21
CA GLY A 71 2.40 -33.40 -20.54
C GLY A 71 3.87 -33.77 -20.59
N GLN A 72 4.72 -32.96 -21.25
CA GLN A 72 6.16 -33.26 -21.33
C GLN A 72 7.02 -32.20 -20.66
N GLU A 73 8.12 -32.63 -20.03
CA GLU A 73 9.07 -31.72 -19.40
C GLU A 73 9.85 -31.00 -20.48
N VAL A 74 10.02 -29.67 -20.31
CA VAL A 74 10.69 -28.84 -21.31
C VAL A 74 11.96 -28.20 -20.74
N LYS A 75 12.82 -27.71 -21.63
CA LYS A 75 14.05 -27.05 -21.23
C LYS A 75 13.77 -25.62 -20.74
N TYR A 76 14.51 -25.22 -19.69
CA TYR A 76 14.45 -23.87 -19.13
C TYR A 76 15.82 -23.49 -18.60
N ALA A 77 16.09 -22.19 -18.48
CA ALA A 77 17.36 -21.71 -17.95
C ALA A 77 17.09 -20.51 -17.08
N LEU A 78 17.80 -20.43 -15.95
CA LEU A 78 17.70 -19.31 -15.03
C LEU A 78 18.95 -18.47 -15.26
N GLY A 79 18.74 -17.19 -15.54
CA GLY A 79 19.83 -16.26 -15.74
C GLY A 79 20.44 -15.85 -14.40
N GLU A 80 21.52 -15.05 -14.44
CA GLU A 80 22.20 -14.50 -13.26
C GLU A 80 21.21 -13.54 -12.53
N ARG A 81 21.24 -13.53 -11.19
CA ARG A 81 20.35 -12.65 -10.43
C ARG A 81 20.73 -11.17 -10.66
N GLN A 82 19.72 -10.31 -10.88
CA GLN A 82 19.89 -8.88 -11.08
C GLN A 82 19.37 -8.15 -9.84
N SER A 83 20.06 -8.35 -8.70
CA SER A 83 19.69 -7.72 -7.42
C SER A 83 18.17 -7.92 -7.09
N TYR A 84 17.45 -6.85 -6.72
CA TYR A 84 16.03 -6.81 -6.36
C TYR A 84 15.09 -7.27 -7.51
N LYS A 85 15.56 -7.24 -8.78
CA LYS A 85 14.75 -7.68 -9.94
C LYS A 85 14.63 -9.18 -10.01
N GLY A 86 15.54 -9.88 -9.34
CA GLY A 86 15.56 -11.33 -9.34
C GLY A 86 16.28 -11.92 -10.54
N SER A 87 15.91 -13.15 -10.91
CA SER A 87 16.52 -13.91 -11.99
C SER A 87 15.53 -14.19 -13.12
N PRO A 88 15.91 -13.91 -14.39
CA PRO A 88 14.98 -14.22 -15.49
C PRO A 88 14.99 -15.72 -15.77
N MET A 89 13.81 -16.26 -16.06
CA MET A 89 13.66 -17.69 -16.35
C MET A 89 13.24 -17.81 -17.82
N GLU A 90 14.13 -18.36 -18.66
CA GLU A 90 13.78 -18.53 -20.08
C GLU A 90 13.24 -19.94 -20.29
N ILE A 91 12.06 -20.06 -20.90
CA ILE A 91 11.44 -21.37 -21.15
C ILE A 91 11.40 -21.66 -22.65
N SER A 92 11.91 -22.83 -23.07
CA SER A 92 11.89 -23.30 -24.46
C SER A 92 10.55 -24.00 -24.73
N LEU A 93 9.75 -23.46 -25.65
CA LEU A 93 8.46 -24.06 -25.96
C LEU A 93 8.60 -25.33 -26.81
N PRO A 94 7.78 -26.39 -26.55
CA PRO A 94 7.93 -27.64 -27.35
C PRO A 94 7.54 -27.46 -28.81
N ILE A 95 6.63 -26.51 -29.11
CA ILE A 95 6.20 -26.19 -30.47
C ILE A 95 6.07 -24.67 -30.64
N ALA A 96 6.43 -24.20 -31.84
CA ALA A 96 6.35 -22.77 -32.19
C ALA A 96 4.88 -22.34 -32.19
N LEU A 97 4.58 -21.13 -31.65
CA LEU A 97 3.20 -20.64 -31.60
C LEU A 97 2.94 -19.55 -32.64
N SER A 98 1.75 -19.59 -33.24
CA SER A 98 1.29 -18.56 -34.17
C SER A 98 0.69 -17.43 -33.29
N LYS A 99 0.42 -16.26 -33.89
CA LYS A 99 -0.20 -15.14 -33.19
C LYS A 99 -1.58 -15.54 -32.63
N ASN A 100 -1.85 -15.20 -31.35
CA ASN A 100 -3.09 -15.47 -30.61
C ASN A 100 -3.28 -16.90 -30.13
N GLN A 101 -2.33 -17.78 -30.46
CA GLN A 101 -2.38 -19.16 -29.97
C GLN A 101 -2.02 -19.20 -28.50
N GLU A 102 -2.70 -20.05 -27.77
CA GLU A 102 -2.51 -20.21 -26.34
C GLU A 102 -1.96 -21.54 -25.96
N ILE A 103 -1.19 -21.57 -24.88
CA ILE A 103 -0.63 -22.79 -24.28
C ILE A 103 -0.65 -22.67 -22.77
N VAL A 104 -0.63 -23.82 -22.09
CA VAL A 104 -0.58 -23.87 -20.63
C VAL A 104 0.82 -24.32 -20.22
N ILE A 105 1.51 -23.52 -19.42
CA ILE A 105 2.84 -23.86 -18.95
C ILE A 105 2.74 -24.10 -17.45
N GLU A 106 2.98 -25.35 -17.02
CA GLU A 106 2.90 -25.77 -15.62
C GLU A 106 4.31 -25.78 -14.98
N ILE A 107 4.57 -24.83 -14.08
CA ILE A 107 5.87 -24.71 -13.41
C ILE A 107 5.80 -25.22 -11.96
N SER A 108 6.59 -26.24 -11.63
CA SER A 108 6.70 -26.77 -10.27
C SER A 108 7.82 -26.00 -9.61
N PHE A 109 7.54 -25.37 -8.47
CA PHE A 109 8.46 -24.49 -7.77
C PHE A 109 8.26 -24.54 -6.25
N GLU A 110 9.21 -23.91 -5.53
CA GLU A 110 9.19 -23.70 -4.09
C GLU A 110 9.75 -22.29 -3.85
N THR A 111 9.16 -21.59 -2.88
CA THR A 111 9.64 -20.26 -2.52
C THR A 111 10.77 -20.42 -1.52
N SER A 112 11.58 -19.39 -1.37
CA SER A 112 12.63 -19.35 -0.36
C SER A 112 12.00 -18.89 0.96
N PRO A 113 12.51 -19.34 2.13
CA PRO A 113 12.00 -18.78 3.41
C PRO A 113 12.22 -17.26 3.51
N LYS A 114 13.19 -16.72 2.76
CA LYS A 114 13.51 -15.28 2.75
C LYS A 114 12.79 -14.53 1.61
N SER A 115 11.79 -15.15 0.98
CA SER A 115 11.00 -14.50 -0.08
C SER A 115 10.61 -13.09 0.40
N SER A 116 10.95 -12.06 -0.40
CA SER A 116 10.64 -10.67 -0.06
C SER A 116 9.13 -10.36 -0.08
N ALA A 117 8.33 -11.26 -0.64
CA ALA A 117 6.89 -11.10 -0.71
C ALA A 117 6.20 -11.56 0.55
N LEU A 118 6.85 -12.38 1.37
CA LEU A 118 6.21 -13.03 2.49
C LEU A 118 6.75 -12.72 3.84
N GLN A 119 5.87 -12.86 4.85
CA GLN A 119 6.33 -12.84 6.21
C GLN A 119 5.75 -14.05 6.91
N TRP A 120 6.63 -14.91 7.45
CA TRP A 120 6.31 -16.10 8.23
C TRP A 120 6.41 -15.74 9.72
N LEU A 121 5.32 -15.94 10.47
CA LEU A 121 5.30 -15.63 11.91
C LEU A 121 5.18 -16.90 12.71
N THR A 122 5.97 -17.00 13.78
CA THR A 122 5.88 -18.13 14.69
C THR A 122 4.63 -17.87 15.58
N PRO A 123 4.08 -18.90 16.28
CA PRO A 123 2.93 -18.64 17.18
C PRO A 123 3.13 -17.50 18.17
N GLU A 124 4.36 -17.33 18.69
CA GLU A 124 4.72 -16.26 19.64
C GLU A 124 4.51 -14.85 19.08
N GLN A 125 4.65 -14.69 17.76
CA GLN A 125 4.51 -13.43 17.03
C GLN A 125 3.05 -13.09 16.67
N THR A 126 2.08 -13.94 17.06
CA THR A 126 0.64 -13.74 16.73
C THR A 126 -0.17 -13.36 17.99
N SER A 127 -1.45 -12.99 17.82
CA SER A 127 -2.33 -12.65 18.96
C SER A 127 -2.67 -13.85 19.86
N GLY A 128 -3.01 -14.98 19.25
CA GLY A 128 -3.45 -16.18 19.94
C GLY A 128 -2.37 -17.03 20.57
N LYS A 129 -1.10 -16.94 20.07
CA LYS A 129 0.07 -17.66 20.60
C LYS A 129 0.07 -19.18 20.42
N GLU A 130 -0.92 -19.73 19.69
CA GLU A 130 -1.03 -21.18 19.51
C GLU A 130 -0.73 -21.64 18.10
N HIS A 131 -0.90 -20.74 17.11
CA HIS A 131 -0.72 -21.08 15.70
C HIS A 131 0.23 -20.14 14.96
N PRO A 132 0.93 -20.66 13.91
CA PRO A 132 1.76 -19.78 13.08
C PRO A 132 0.88 -18.94 12.14
N TYR A 133 1.50 -18.06 11.34
CA TYR A 133 0.76 -17.17 10.43
C TYR A 133 1.63 -16.78 9.24
N LEU A 134 1.00 -16.59 8.10
CA LEU A 134 1.72 -16.20 6.89
C LEU A 134 0.90 -15.15 6.18
N PHE A 135 1.57 -14.13 5.62
CA PHE A 135 0.90 -13.16 4.74
C PHE A 135 1.81 -12.70 3.64
N SER A 136 1.21 -12.32 2.49
CA SER A 136 1.96 -11.84 1.35
C SER A 136 1.76 -10.34 1.17
N GLN A 137 2.65 -9.74 0.40
CA GLN A 137 2.57 -8.30 0.02
C GLN A 137 3.36 -8.20 -1.30
N CYS A 138 2.66 -8.24 -2.42
CA CYS A 138 3.28 -8.24 -3.74
C CYS A 138 3.65 -6.90 -4.31
N GLN A 139 2.90 -5.82 -3.96
CA GLN A 139 3.19 -4.52 -4.55
C GLN A 139 4.58 -4.02 -4.09
N ALA A 140 5.46 -3.57 -5.00
CA ALA A 140 5.28 -3.44 -6.45
C ALA A 140 5.68 -4.69 -7.22
N ILE A 141 6.90 -5.20 -6.97
CA ILE A 141 7.50 -6.29 -7.73
C ILE A 141 7.91 -7.49 -6.89
N HIS A 142 7.05 -7.91 -5.96
CA HIS A 142 7.33 -9.06 -5.13
C HIS A 142 6.54 -10.29 -5.56
N CYS A 143 5.56 -10.17 -6.50
CA CYS A 143 4.89 -11.41 -6.96
C CYS A 143 5.88 -12.45 -7.49
N ARG A 144 6.96 -11.99 -8.14
CA ARG A 144 8.02 -12.87 -8.67
C ARG A 144 8.74 -13.66 -7.56
N ALA A 145 8.62 -13.22 -6.29
CA ALA A 145 9.22 -13.93 -5.15
C ALA A 145 8.24 -14.99 -4.56
N ILE A 146 7.04 -15.14 -5.16
CA ILE A 146 6.04 -16.16 -4.79
C ILE A 146 5.94 -17.20 -5.89
N LEU A 147 5.81 -16.75 -7.15
CA LEU A 147 5.66 -17.64 -8.29
C LEU A 147 6.26 -17.06 -9.59
N PRO A 148 6.62 -17.90 -10.58
CA PRO A 148 7.14 -17.36 -11.84
C PRO A 148 5.99 -16.69 -12.58
N CYS A 149 6.23 -15.48 -13.07
CA CYS A 149 5.17 -14.71 -13.75
C CYS A 149 5.78 -13.59 -14.57
N GLN A 150 4.92 -12.90 -15.37
CA GLN A 150 5.35 -11.68 -16.07
C GLN A 150 5.00 -10.63 -15.04
N ASP A 151 5.97 -10.32 -14.16
CA ASP A 151 5.70 -9.45 -13.00
C ASP A 151 5.71 -7.97 -13.38
N THR A 152 4.67 -7.57 -14.08
CA THR A 152 4.48 -6.23 -14.63
C THR A 152 3.00 -5.88 -14.62
N PRO A 153 2.63 -4.67 -14.20
CA PRO A 153 1.21 -4.30 -14.20
C PRO A 153 0.63 -4.08 -15.59
N SER A 154 1.47 -4.21 -16.66
CA SER A 154 1.05 -4.06 -18.07
C SER A 154 0.30 -5.32 -18.55
N VAL A 155 0.32 -6.42 -17.76
CA VAL A 155 -0.35 -7.69 -18.10
C VAL A 155 -1.43 -7.96 -17.04
N LYS A 156 -2.68 -8.23 -17.46
CA LYS A 156 -3.78 -8.56 -16.54
C LYS A 156 -4.28 -9.98 -16.83
N LEU A 157 -4.51 -10.74 -15.77
CA LEU A 157 -4.92 -12.13 -15.86
C LEU A 157 -5.97 -12.48 -14.81
N THR A 158 -6.76 -13.50 -15.10
CA THR A 158 -7.69 -14.03 -14.09
C THR A 158 -6.92 -15.11 -13.36
N TYR A 159 -7.40 -15.56 -12.20
CA TYR A 159 -6.76 -16.67 -11.54
C TYR A 159 -7.71 -17.58 -10.78
N THR A 160 -7.28 -18.84 -10.59
CA THR A 160 -7.93 -19.83 -9.75
C THR A 160 -6.84 -20.39 -8.85
N ALA A 161 -7.18 -20.79 -7.63
CA ALA A 161 -6.18 -21.33 -6.72
C ALA A 161 -6.77 -22.35 -5.77
N GLU A 162 -5.93 -23.32 -5.41
CA GLU A 162 -6.20 -24.39 -4.46
C GLU A 162 -5.00 -24.38 -3.52
N VAL A 163 -5.25 -24.05 -2.25
CA VAL A 163 -4.18 -23.89 -1.28
C VAL A 163 -4.34 -24.90 -0.16
N SER A 164 -3.34 -25.78 0.02
CA SER A 164 -3.36 -26.77 1.10
C SER A 164 -2.69 -26.22 2.34
N VAL A 165 -3.39 -26.27 3.48
CA VAL A 165 -2.89 -25.72 4.74
C VAL A 165 -3.15 -26.67 5.89
N PRO A 166 -2.45 -26.56 7.05
CA PRO A 166 -2.85 -27.36 8.22
C PRO A 166 -4.34 -27.10 8.50
N LYS A 167 -5.11 -28.18 8.72
CA LYS A 167 -6.58 -28.14 8.92
C LYS A 167 -7.13 -27.17 9.97
N GLU A 168 -6.35 -26.83 11.02
CA GLU A 168 -6.77 -25.92 12.08
C GLU A 168 -6.69 -24.45 11.65
N LEU A 169 -6.11 -24.18 10.47
CA LEU A 169 -5.94 -22.82 9.93
C LEU A 169 -6.86 -22.51 8.76
N VAL A 170 -6.94 -21.22 8.42
CA VAL A 170 -7.77 -20.72 7.34
C VAL A 170 -6.86 -20.02 6.37
N ALA A 171 -7.11 -20.23 5.08
CA ALA A 171 -6.41 -19.56 3.99
C ALA A 171 -7.40 -18.59 3.34
N LEU A 172 -6.93 -17.39 2.96
CA LEU A 172 -7.73 -16.41 2.22
C LEU A 172 -6.87 -15.82 1.11
N MET A 173 -7.51 -15.40 0.01
CA MET A 173 -6.81 -14.78 -1.12
C MET A 173 -7.58 -13.59 -1.67
N SER A 174 -6.95 -12.88 -2.64
CA SER A 174 -7.54 -11.71 -3.32
C SER A 174 -8.47 -12.23 -4.43
N ALA A 175 -9.51 -12.94 -3.99
CA ALA A 175 -10.42 -13.67 -4.85
C ALA A 175 -11.67 -14.11 -4.09
N ILE A 176 -12.65 -14.64 -4.82
CA ILE A 176 -13.87 -15.12 -4.22
C ILE A 176 -13.61 -16.53 -3.68
N ARG A 177 -14.02 -16.77 -2.44
CA ARG A 177 -13.90 -18.07 -1.76
C ARG A 177 -14.77 -19.05 -2.51
N ASP A 178 -14.17 -20.17 -2.97
CA ASP A 178 -14.83 -21.15 -3.81
C ASP A 178 -14.96 -22.55 -3.21
N GLY A 179 -14.95 -22.63 -1.88
CA GLY A 179 -15.10 -23.88 -1.17
C GLY A 179 -13.88 -24.36 -0.40
N GLU A 180 -14.09 -25.39 0.42
CA GLU A 180 -13.05 -26.02 1.22
C GLU A 180 -13.34 -27.51 1.36
N THR A 181 -12.30 -28.33 1.33
CA THR A 181 -12.43 -29.79 1.48
C THR A 181 -11.23 -30.33 2.25
N PRO A 182 -11.32 -31.53 2.88
CA PRO A 182 -10.11 -32.11 3.48
C PRO A 182 -9.13 -32.39 2.33
N ASP A 183 -7.82 -32.31 2.60
CA ASP A 183 -6.83 -32.58 1.55
C ASP A 183 -6.84 -34.10 1.31
N PRO A 184 -7.14 -34.59 0.08
CA PRO A 184 -7.18 -36.06 -0.13
C PRO A 184 -5.81 -36.75 -0.04
N GLU A 185 -4.71 -35.96 -0.07
CA GLU A 185 -3.34 -36.47 0.04
C GLU A 185 -2.81 -36.40 1.49
N ASP A 186 -3.49 -35.65 2.39
CA ASP A 186 -3.10 -35.46 3.79
C ASP A 186 -4.31 -35.08 4.67
N PRO A 187 -4.83 -36.03 5.50
CA PRO A 187 -5.98 -35.72 6.36
C PRO A 187 -5.74 -34.72 7.49
N SER A 188 -4.45 -34.35 7.75
CA SER A 188 -4.13 -33.32 8.74
C SER A 188 -4.25 -31.93 8.07
N ARG A 189 -4.62 -31.90 6.78
CA ARG A 189 -4.71 -30.68 5.99
C ARG A 189 -6.06 -30.47 5.32
N LYS A 190 -6.31 -29.21 4.94
CA LYS A 190 -7.50 -28.74 4.25
C LYS A 190 -7.04 -28.01 3.00
N ILE A 191 -7.87 -28.05 1.96
CA ILE A 191 -7.64 -27.29 0.75
C ILE A 191 -8.72 -26.22 0.65
N TYR A 192 -8.30 -24.97 0.51
CA TYR A 192 -9.21 -23.84 0.30
C TYR A 192 -9.10 -23.47 -1.16
N LYS A 193 -10.24 -23.24 -1.81
CA LYS A 193 -10.29 -22.91 -3.24
C LYS A 193 -10.68 -21.47 -3.45
N PHE A 194 -10.17 -20.84 -4.54
CA PHE A 194 -10.42 -19.43 -4.82
C PHE A 194 -10.59 -19.19 -6.29
N ILE A 195 -11.38 -18.14 -6.63
CA ILE A 195 -11.60 -17.74 -8.02
C ILE A 195 -11.63 -16.22 -8.16
N GLN A 196 -10.76 -15.71 -9.02
CA GLN A 196 -10.71 -14.29 -9.38
C GLN A 196 -11.06 -14.20 -10.87
N LYS A 197 -12.34 -13.89 -11.17
CA LYS A 197 -12.88 -13.81 -12.53
C LYS A 197 -12.60 -12.48 -13.22
N VAL A 198 -12.19 -11.47 -12.45
CA VAL A 198 -11.89 -10.16 -13.03
C VAL A 198 -10.38 -10.11 -13.33
N PRO A 199 -9.97 -9.74 -14.56
CA PRO A 199 -8.53 -9.68 -14.86
C PRO A 199 -7.83 -8.62 -14.02
N ILE A 200 -6.75 -9.04 -13.37
CA ILE A 200 -5.96 -8.19 -12.48
C ILE A 200 -4.46 -8.24 -12.84
N PRO A 201 -3.70 -7.16 -12.53
CA PRO A 201 -2.24 -7.25 -12.62
C PRO A 201 -1.77 -8.19 -11.48
N CYS A 202 -0.67 -8.94 -11.68
CA CYS A 202 -0.20 -9.90 -10.67
C CYS A 202 0.19 -9.28 -9.30
N TYR A 203 0.51 -7.97 -9.21
CA TYR A 203 0.84 -7.39 -7.88
C TYR A 203 -0.37 -7.45 -6.92
N LEU A 204 -1.56 -7.71 -7.45
CA LEU A 204 -2.80 -7.82 -6.69
C LEU A 204 -3.06 -9.23 -6.15
N ILE A 205 -2.22 -10.22 -6.51
CA ILE A 205 -2.34 -11.57 -5.98
C ILE A 205 -1.94 -11.49 -4.51
N ALA A 206 -2.77 -12.08 -3.64
CA ALA A 206 -2.50 -12.05 -2.19
C ALA A 206 -2.93 -13.32 -1.53
N LEU A 207 -2.21 -13.69 -0.48
CA LEU A 207 -2.46 -14.88 0.31
C LEU A 207 -2.18 -14.59 1.79
N VAL A 208 -3.09 -15.07 2.66
CA VAL A 208 -2.94 -15.08 4.13
C VAL A 208 -3.32 -16.48 4.62
N VAL A 209 -2.56 -17.01 5.59
CA VAL A 209 -2.86 -18.29 6.22
C VAL A 209 -2.65 -18.11 7.73
N GLY A 210 -3.68 -18.38 8.51
CA GLY A 210 -3.62 -18.26 9.98
C GLY A 210 -4.89 -18.70 10.68
N ALA A 211 -4.95 -18.50 12.01
CA ALA A 211 -6.12 -18.86 12.82
C ALA A 211 -7.05 -17.66 12.74
N LEU A 212 -7.73 -17.53 11.59
CA LEU A 212 -8.63 -16.40 11.31
C LEU A 212 -10.08 -16.71 11.63
N GLU A 213 -10.81 -15.68 12.11
CA GLU A 213 -12.25 -15.71 12.39
C GLU A 213 -12.86 -14.54 11.62
N SER A 214 -14.16 -14.62 11.31
CA SER A 214 -14.83 -13.56 10.55
C SER A 214 -16.07 -13.06 11.24
N ARG A 215 -16.42 -11.81 10.95
CA ARG A 215 -17.65 -11.22 11.41
C ARG A 215 -18.21 -10.38 10.27
N GLN A 216 -19.51 -10.53 10.02
CA GLN A 216 -20.19 -9.79 8.97
C GLN A 216 -20.46 -8.40 9.49
N ILE A 217 -20.15 -7.39 8.66
CA ILE A 217 -20.33 -5.97 9.00
C ILE A 217 -21.15 -5.21 7.95
N GLY A 218 -21.45 -5.89 6.86
CA GLY A 218 -22.22 -5.30 5.77
C GLY A 218 -22.75 -6.36 4.83
N PRO A 219 -23.61 -6.00 3.87
CA PRO A 219 -24.18 -7.04 2.96
C PRO A 219 -23.16 -7.73 2.07
N ARG A 220 -22.00 -7.08 1.84
CA ARG A 220 -20.95 -7.67 1.00
C ARG A 220 -19.59 -7.62 1.70
N THR A 221 -19.59 -7.53 3.03
CA THR A 221 -18.34 -7.37 3.79
C THR A 221 -18.25 -8.17 5.04
N LEU A 222 -17.19 -8.96 5.12
CA LEU A 222 -16.80 -9.63 6.35
C LEU A 222 -15.50 -8.98 6.76
N VAL A 223 -15.29 -8.88 8.07
CA VAL A 223 -14.01 -8.47 8.60
C VAL A 223 -13.35 -9.77 9.08
N TRP A 224 -12.05 -9.96 8.78
CA TRP A 224 -11.30 -11.13 9.18
C TRP A 224 -10.10 -10.72 10.02
N SER A 225 -9.81 -11.48 11.10
CA SER A 225 -8.64 -11.27 11.96
CA SER A 225 -8.64 -11.27 11.96
C SER A 225 -8.54 -12.42 12.93
N GLU A 226 -7.49 -12.41 13.78
CA GLU A 226 -7.41 -13.44 14.80
C GLU A 226 -8.56 -13.06 15.76
N LYS A 227 -9.10 -14.02 16.51
CA LYS A 227 -10.26 -13.78 17.39
C LYS A 227 -10.16 -12.55 18.29
N GLU A 228 -8.96 -12.30 18.83
CA GLU A 228 -8.67 -11.18 19.75
C GLU A 228 -8.99 -9.81 19.15
N GLN A 229 -8.90 -9.68 17.82
CA GLN A 229 -9.12 -8.39 17.14
C GLN A 229 -10.49 -8.25 16.45
N VAL A 230 -11.25 -9.35 16.30
CA VAL A 230 -12.53 -9.35 15.57
C VAL A 230 -13.50 -8.24 16.03
N GLU A 231 -13.83 -8.22 17.33
CA GLU A 231 -14.82 -7.28 17.87
C GLU A 231 -14.43 -5.81 17.64
N LYS A 232 -13.17 -5.46 17.96
CA LYS A 232 -12.68 -4.08 17.77
C LYS A 232 -12.73 -3.70 16.28
N SER A 233 -12.34 -4.64 15.41
CA SER A 233 -12.30 -4.43 13.96
C SER A 233 -13.68 -4.20 13.39
N ALA A 234 -14.68 -4.99 13.83
CA ALA A 234 -16.07 -4.88 13.37
C ALA A 234 -16.59 -3.47 13.63
N TYR A 235 -16.27 -2.92 14.81
CA TYR A 235 -16.68 -1.56 15.16
C TYR A 235 -15.91 -0.53 14.35
N GLU A 236 -14.56 -0.64 14.33
CA GLU A 236 -13.69 0.34 13.67
C GLU A 236 -14.08 0.59 12.24
N PHE A 237 -14.43 -0.50 11.53
CA PHE A 237 -14.72 -0.44 10.09
C PHE A 237 -16.18 -0.51 9.75
N SER A 238 -17.05 -0.17 10.70
CA SER A 238 -18.51 -0.21 10.49
C SER A 238 -19.03 0.70 9.36
N GLU A 239 -18.28 1.77 8.99
CA GLU A 239 -18.68 2.69 7.89
C GLU A 239 -18.39 2.11 6.50
N THR A 240 -17.77 0.92 6.40
CA THR A 240 -17.40 0.30 5.10
C THR A 240 -18.52 0.28 4.03
N GLU A 241 -19.71 -0.25 4.38
CA GLU A 241 -20.80 -0.31 3.39
C GLU A 241 -21.21 1.07 2.87
N SER A 242 -21.32 2.07 3.79
CA SER A 242 -21.69 3.44 3.41
CA SER A 242 -21.68 3.44 3.40
C SER A 242 -20.61 4.02 2.47
N MET A 243 -19.34 3.70 2.73
CA MET A 243 -18.24 4.18 1.86
C MET A 243 -18.28 3.49 0.47
N LEU A 244 -18.62 2.18 0.43
CA LEU A 244 -18.76 1.45 -0.84
C LEU A 244 -19.87 2.07 -1.68
N LYS A 245 -21.02 2.41 -1.06
CA LYS A 245 -22.15 3.04 -1.75
C LYS A 245 -21.75 4.40 -2.36
N ILE A 246 -21.01 5.22 -1.61
CA ILE A 246 -20.55 6.52 -2.14
C ILE A 246 -19.57 6.28 -3.28
N ALA A 247 -18.61 5.35 -3.10
CA ALA A 247 -17.65 5.05 -4.15
C ALA A 247 -18.33 4.60 -5.45
N GLU A 248 -19.40 3.77 -5.36
CA GLU A 248 -20.13 3.33 -6.55
C GLU A 248 -20.78 4.52 -7.26
N ASP A 249 -21.30 5.47 -6.48
CA ASP A 249 -21.92 6.69 -7.01
C ASP A 249 -20.89 7.50 -7.79
N LEU A 250 -19.63 7.55 -7.29
CA LEU A 250 -18.54 8.29 -7.91
C LEU A 250 -17.85 7.59 -9.08
N GLY A 251 -17.65 6.28 -8.96
CA GLY A 251 -16.88 5.55 -9.97
C GLY A 251 -17.60 4.58 -10.89
N GLY A 252 -18.86 4.32 -10.61
CA GLY A 252 -19.63 3.35 -11.37
C GLY A 252 -19.73 2.04 -10.62
N PRO A 253 -20.35 0.98 -11.19
CA PRO A 253 -20.51 -0.28 -10.44
C PRO A 253 -19.26 -0.89 -9.81
N TYR A 254 -19.43 -1.47 -8.60
CA TYR A 254 -18.39 -2.24 -7.92
C TYR A 254 -18.45 -3.59 -8.62
N VAL A 255 -17.38 -3.98 -9.35
CA VAL A 255 -17.43 -5.23 -10.18
C VAL A 255 -16.90 -6.49 -9.51
N TRP A 256 -16.30 -6.34 -8.35
CA TRP A 256 -15.54 -7.38 -7.67
C TRP A 256 -16.30 -8.41 -6.83
N GLY A 257 -17.61 -8.20 -6.65
CA GLY A 257 -18.47 -9.10 -5.88
C GLY A 257 -18.45 -8.73 -4.40
N GLN A 258 -17.50 -9.26 -3.70
CA GLN A 258 -17.31 -9.08 -2.27
C GLN A 258 -16.32 -7.96 -1.98
N TYR A 259 -16.48 -7.31 -0.81
CA TYR A 259 -15.48 -6.37 -0.31
C TYR A 259 -15.18 -6.77 1.14
N ASP A 260 -14.23 -7.68 1.34
CA ASP A 260 -13.87 -8.07 2.70
C ASP A 260 -12.64 -7.31 3.17
N LEU A 261 -12.45 -7.29 4.50
CA LEU A 261 -11.30 -6.65 5.14
C LEU A 261 -10.56 -7.67 5.97
N LEU A 262 -9.24 -7.66 5.89
CA LEU A 262 -8.41 -8.52 6.73
C LEU A 262 -7.52 -7.61 7.56
N VAL A 263 -7.58 -7.78 8.87
CA VAL A 263 -6.76 -6.98 9.79
C VAL A 263 -5.56 -7.86 10.12
N LEU A 264 -4.41 -7.46 9.59
CA LEU A 264 -3.18 -8.24 9.69
C LEU A 264 -2.49 -8.10 11.02
N PRO A 265 -1.42 -8.90 11.27
CA PRO A 265 -0.62 -8.70 12.49
C PRO A 265 0.10 -7.33 12.41
N PRO A 266 0.63 -6.83 13.55
CA PRO A 266 1.23 -5.47 13.55
C PRO A 266 2.38 -5.21 12.61
N SER A 267 3.08 -6.26 12.14
CA SER A 267 4.21 -6.10 11.22
C SER A 267 3.79 -5.82 9.77
N PHE A 268 2.46 -5.73 9.46
CA PHE A 268 2.03 -5.40 8.10
C PHE A 268 2.67 -4.06 7.69
N PRO A 269 3.48 -4.00 6.59
CA PRO A 269 4.26 -2.78 6.32
C PRO A 269 3.55 -1.53 5.88
N TYR A 270 2.32 -1.65 5.38
CA TYR A 270 1.56 -0.50 4.89
C TYR A 270 0.29 -0.27 5.70
N GLY A 271 -0.35 0.89 5.53
CA GLY A 271 -1.62 1.19 6.19
C GLY A 271 -2.72 0.30 5.63
N GLY A 272 -2.66 0.08 4.34
CA GLY A 272 -3.57 -0.84 3.66
C GLY A 272 -3.01 -1.29 2.32
N MET A 273 -3.59 -2.35 1.77
CA MET A 273 -3.23 -2.86 0.44
C MET A 273 -4.53 -3.29 -0.21
N GLU A 274 -4.80 -2.76 -1.40
CA GLU A 274 -6.04 -2.92 -2.15
C GLU A 274 -6.26 -4.27 -2.82
N ASN A 275 -5.85 -5.37 -2.20
CA ASN A 275 -6.05 -6.71 -2.77
C ASN A 275 -7.53 -6.93 -3.09
N PRO A 276 -7.86 -7.24 -4.36
CA PRO A 276 -9.29 -7.31 -4.76
C PRO A 276 -10.05 -8.36 -3.98
N CYS A 277 -11.27 -8.02 -3.52
CA CYS A 277 -12.17 -8.85 -2.70
C CYS A 277 -11.75 -8.90 -1.26
N LEU A 278 -10.47 -8.57 -0.97
CA LEU A 278 -9.92 -8.68 0.39
C LEU A 278 -8.88 -7.63 0.69
N THR A 279 -9.33 -6.45 1.08
CA THR A 279 -8.39 -5.38 1.45
C THR A 279 -7.64 -5.82 2.72
N PHE A 280 -6.31 -5.65 2.72
CA PHE A 280 -5.46 -5.94 3.88
C PHE A 280 -5.26 -4.62 4.60
N VAL A 281 -5.39 -4.60 5.96
CA VAL A 281 -5.18 -3.37 6.73
C VAL A 281 -4.30 -3.60 7.95
N THR A 282 -3.60 -2.55 8.37
CA THR A 282 -2.76 -2.55 9.56
C THR A 282 -3.68 -2.54 10.79
N PRO A 283 -3.32 -3.28 11.87
CA PRO A 283 -4.08 -3.17 13.13
C PRO A 283 -3.86 -1.80 13.80
N THR A 284 -2.92 -0.95 13.29
CA THR A 284 -2.73 0.41 13.83
C THR A 284 -3.94 1.34 13.48
N LEU A 285 -4.91 0.88 12.64
CA LEU A 285 -6.13 1.69 12.39
C LEU A 285 -7.12 1.56 13.57
N LEU A 286 -6.90 0.57 14.47
CA LEU A 286 -7.81 0.26 15.57
C LEU A 286 -7.75 1.31 16.70
N ALA A 287 -8.13 2.54 16.37
CA ALA A 287 -8.07 3.68 17.30
C ALA A 287 -9.20 3.66 18.36
N GLY A 288 -10.28 2.94 18.07
CA GLY A 288 -11.44 2.81 18.97
C GLY A 288 -12.54 3.82 18.68
N ASP A 289 -12.34 4.72 17.70
CA ASP A 289 -13.33 5.77 17.38
C ASP A 289 -13.60 5.96 15.87
N LYS A 290 -13.09 5.05 15.01
CA LYS A 290 -13.27 5.10 13.55
C LYS A 290 -12.52 6.30 12.91
N SER A 291 -11.69 7.05 13.69
CA SER A 291 -10.98 8.23 13.19
C SER A 291 -9.99 7.97 12.04
N LEU A 292 -9.49 6.74 11.90
CA LEU A 292 -8.52 6.43 10.82
C LEU A 292 -9.17 5.70 9.63
N SER A 293 -10.50 5.84 9.51
CA SER A 293 -11.30 5.20 8.46
C SER A 293 -11.02 5.70 7.04
N ASN A 294 -10.29 6.84 6.89
CA ASN A 294 -9.94 7.32 5.54
C ASN A 294 -9.08 6.27 4.82
N VAL A 295 -8.32 5.45 5.57
CA VAL A 295 -7.55 4.37 4.98
C VAL A 295 -8.48 3.36 4.27
N ILE A 296 -9.67 3.07 4.86
CA ILE A 296 -10.66 2.18 4.25
C ILE A 296 -11.21 2.84 2.99
N ALA A 297 -11.54 4.15 3.08
CA ALA A 297 -12.05 4.93 1.94
C ALA A 297 -11.01 4.86 0.78
N HIS A 298 -9.72 4.95 1.11
CA HIS A 298 -8.60 4.86 0.16
C HIS A 298 -8.58 3.47 -0.49
N GLU A 299 -8.56 2.40 0.33
CA GLU A 299 -8.55 1.04 -0.22
C GLU A 299 -9.77 0.72 -1.09
N ILE A 300 -10.97 1.16 -0.65
CA ILE A 300 -12.21 1.00 -1.40
C ILE A 300 -12.08 1.69 -2.77
N SER A 301 -11.55 2.93 -2.79
CA SER A 301 -11.40 3.71 -4.04
C SER A 301 -10.53 3.01 -5.06
N HIS A 302 -9.51 2.26 -4.60
CA HIS A 302 -8.62 1.50 -5.48
C HIS A 302 -9.36 0.45 -6.32
N SER A 303 -10.58 0.03 -5.90
CA SER A 303 -11.44 -0.92 -6.64
C SER A 303 -11.78 -0.37 -8.05
N TRP A 304 -11.57 0.95 -8.24
CA TRP A 304 -11.76 1.64 -9.51
C TRP A 304 -10.38 2.13 -10.03
N THR A 305 -9.72 3.00 -9.27
CA THR A 305 -8.45 3.62 -9.65
C THR A 305 -7.29 2.80 -9.10
N GLY A 306 -6.71 1.99 -9.98
CA GLY A 306 -5.63 1.07 -9.65
C GLY A 306 -6.00 -0.34 -10.05
N ASN A 307 -7.13 -0.86 -9.54
CA ASN A 307 -7.56 -2.24 -9.80
C ASN A 307 -8.30 -2.43 -11.10
N LEU A 308 -9.05 -1.40 -11.54
CA LEU A 308 -9.76 -1.45 -12.81
C LEU A 308 -8.92 -0.76 -13.87
N VAL A 309 -8.56 0.53 -13.62
CA VAL A 309 -7.65 1.29 -14.46
C VAL A 309 -6.30 1.14 -13.78
N THR A 310 -5.32 0.51 -14.45
CA THR A 310 -4.03 0.26 -13.77
C THR A 310 -2.85 0.99 -14.42
N ASN A 311 -1.79 1.35 -13.63
CA ASN A 311 -0.57 1.96 -14.18
C ASN A 311 0.13 0.89 -15.05
N LYS A 312 0.57 1.27 -16.25
CA LYS A 312 1.23 0.35 -17.18
C LYS A 312 2.59 -0.10 -16.67
N THR A 313 3.34 0.83 -16.05
CA THR A 313 4.64 0.52 -15.44
C THR A 313 4.66 1.28 -14.12
N TRP A 314 5.60 0.94 -13.25
CA TRP A 314 5.76 1.61 -11.96
C TRP A 314 6.17 3.08 -12.07
N ASP A 315 6.69 3.49 -13.24
CA ASP A 315 7.03 4.88 -13.50
C ASP A 315 5.76 5.75 -13.45
N HIS A 316 4.58 5.14 -13.68
CA HIS A 316 3.29 5.85 -13.73
C HIS A 316 2.38 5.56 -12.53
N PHE A 317 2.98 5.13 -11.41
CA PHE A 317 2.29 4.78 -10.18
C PHE A 317 1.42 5.91 -9.64
N TRP A 318 1.79 7.18 -9.90
CA TRP A 318 1.00 8.33 -9.45
C TRP A 318 -0.44 8.22 -9.99
N LEU A 319 -0.65 7.62 -11.17
CA LEU A 319 -2.00 7.44 -11.73
C LEU A 319 -2.90 6.67 -10.76
N ASN A 320 -2.35 5.57 -10.21
CA ASN A 320 -3.03 4.75 -9.22
C ASN A 320 -3.32 5.58 -7.97
N GLU A 321 -2.27 6.17 -7.39
CA GLU A 321 -2.40 6.89 -6.12
C GLU A 321 -3.09 8.20 -6.14
N GLY A 322 -2.67 9.10 -7.04
CA GLY A 322 -3.30 10.41 -7.15
C GLY A 322 -4.82 10.34 -7.25
N HIS A 323 -5.33 9.52 -8.18
CA HIS A 323 -6.78 9.39 -8.41
C HIS A 323 -7.48 8.74 -7.21
N THR A 324 -6.81 7.79 -6.56
CA THR A 324 -7.36 7.11 -5.37
C THR A 324 -7.52 8.10 -4.21
N VAL A 325 -6.47 8.90 -3.95
CA VAL A 325 -6.49 9.92 -2.87
C VAL A 325 -7.60 10.93 -3.20
N TYR A 326 -7.72 11.26 -4.49
CA TYR A 326 -8.75 12.20 -4.93
C TYR A 326 -10.15 11.60 -4.62
N LEU A 327 -10.37 10.33 -4.94
CA LEU A 327 -11.65 9.67 -4.65
C LEU A 327 -11.88 9.49 -3.15
N GLU A 328 -10.83 9.06 -2.42
CA GLU A 328 -10.85 8.88 -0.96
C GLU A 328 -11.34 10.20 -0.30
N ARG A 329 -10.78 11.33 -0.73
CA ARG A 329 -11.12 12.65 -0.17
C ARG A 329 -12.55 13.07 -0.48
N HIS A 330 -13.09 12.64 -1.64
CA HIS A 330 -14.50 12.88 -1.95
C HIS A 330 -15.42 12.02 -1.09
N ILE A 331 -15.04 10.75 -0.80
CA ILE A 331 -15.87 9.88 0.04
C ILE A 331 -15.97 10.50 1.45
N CYS A 332 -14.82 10.87 2.03
CA CYS A 332 -14.79 11.46 3.35
C CYS A 332 -15.52 12.82 3.38
N GLY A 333 -15.43 13.55 2.27
CA GLY A 333 -16.15 14.80 2.03
C GLY A 333 -17.65 14.60 1.97
N ARG A 334 -18.13 13.51 1.33
CA ARG A 334 -19.58 13.22 1.27
C ARG A 334 -20.10 12.83 2.65
N LEU A 335 -19.32 12.07 3.40
CA LEU A 335 -19.70 11.67 4.76
C LEU A 335 -19.61 12.80 5.80
N PHE A 336 -18.54 13.63 5.74
CA PHE A 336 -18.28 14.65 6.76
C PHE A 336 -18.29 16.12 6.35
N GLY A 337 -18.55 16.40 5.08
CA GLY A 337 -18.65 17.76 4.58
C GLY A 337 -17.47 18.24 3.76
N GLU A 338 -17.74 19.24 2.93
CA GLU A 338 -16.76 19.86 2.04
C GLU A 338 -15.61 20.54 2.83
N LYS A 339 -15.92 21.18 3.99
CA LYS A 339 -14.89 21.82 4.84
C LYS A 339 -13.87 20.75 5.32
N PHE A 340 -14.35 19.54 5.61
CA PHE A 340 -13.48 18.42 5.99
C PHE A 340 -12.64 17.95 4.79
N ARG A 341 -13.22 17.89 3.57
CA ARG A 341 -12.44 17.50 2.38
C ARG A 341 -11.26 18.48 2.20
N HIS A 342 -11.52 19.79 2.32
CA HIS A 342 -10.47 20.80 2.19
C HIS A 342 -9.44 20.66 3.29
N PHE A 343 -9.87 20.33 4.52
CA PHE A 343 -8.98 20.12 5.66
C PHE A 343 -7.99 18.98 5.35
N ASN A 344 -8.49 17.85 4.83
CA ASN A 344 -7.64 16.71 4.49
C ASN A 344 -6.72 16.99 3.36
N ALA A 345 -7.21 17.74 2.38
CA ALA A 345 -6.43 18.13 1.21
C ALA A 345 -5.25 19.01 1.62
N LEU A 346 -5.51 20.01 2.49
CA LEU A 346 -4.47 20.93 2.97
C LEU A 346 -3.43 20.17 3.80
N GLY A 347 -3.90 19.20 4.58
CA GLY A 347 -3.06 18.30 5.36
C GLY A 347 -2.11 17.53 4.46
N GLY A 348 -2.66 17.07 3.34
CA GLY A 348 -1.92 16.32 2.32
C GLY A 348 -0.81 17.16 1.69
N TRP A 349 -1.08 18.46 1.47
CA TRP A 349 -0.08 19.41 0.93
C TRP A 349 1.10 19.49 1.93
N GLY A 350 0.78 19.54 3.22
CA GLY A 350 1.75 19.55 4.32
C GLY A 350 2.63 18.32 4.32
N GLU A 351 2.03 17.14 4.07
CA GLU A 351 2.75 15.87 3.98
C GLU A 351 3.71 15.91 2.75
N LEU A 352 3.27 16.56 1.66
CA LEU A 352 4.07 16.73 0.45
C LEU A 352 5.26 17.66 0.75
N GLN A 353 5.04 18.78 1.49
CA GLN A 353 6.11 19.71 1.92
C GLN A 353 7.19 18.91 2.65
N ASN A 354 6.75 18.04 3.58
CA ASN A 354 7.62 17.16 4.38
C ASN A 354 8.46 16.23 3.52
N SER A 355 7.83 15.53 2.54
CA SER A 355 8.54 14.59 1.65
C SER A 355 9.59 15.32 0.83
N VAL A 356 9.21 16.48 0.26
CA VAL A 356 10.11 17.32 -0.54
C VAL A 356 11.30 17.80 0.28
N LYS A 357 11.07 18.26 1.54
CA LYS A 357 12.13 18.69 2.46
C LYS A 357 13.09 17.54 2.77
N THR A 358 12.55 16.37 3.11
CA THR A 358 13.29 15.16 3.46
C THR A 358 14.19 14.67 2.30
N PHE A 359 13.62 14.56 1.09
CA PHE A 359 14.36 14.11 -0.08
C PHE A 359 15.30 15.17 -0.64
N GLY A 360 14.86 16.44 -0.58
CA GLY A 360 15.55 17.57 -1.19
C GLY A 360 14.76 17.99 -2.41
N GLU A 361 14.65 19.30 -2.66
CA GLU A 361 13.85 19.83 -3.77
C GLU A 361 14.30 19.47 -5.21
N THR A 362 15.52 18.92 -5.36
CA THR A 362 16.03 18.53 -6.68
C THR A 362 16.05 16.99 -6.81
N HIS A 363 15.61 16.26 -5.75
CA HIS A 363 15.61 14.81 -5.78
C HIS A 363 14.69 14.23 -6.86
N PRO A 364 15.22 13.29 -7.68
CA PRO A 364 14.38 12.68 -8.74
C PRO A 364 13.14 11.94 -8.23
N PHE A 365 13.13 11.49 -6.95
CA PHE A 365 11.97 10.81 -6.36
C PHE A 365 10.83 11.78 -6.01
N THR A 366 11.09 13.11 -6.14
CA THR A 366 10.06 14.12 -5.90
C THR A 366 9.30 14.44 -7.20
N LYS A 367 9.74 13.83 -8.32
CA LYS A 367 9.06 13.98 -9.61
C LYS A 367 7.78 13.14 -9.58
N LEU A 368 6.74 13.60 -10.28
CA LEU A 368 5.47 12.88 -10.36
C LEU A 368 5.65 11.60 -11.16
N VAL A 369 6.19 11.72 -12.38
CA VAL A 369 6.53 10.57 -13.24
C VAL A 369 8.04 10.37 -13.02
N VAL A 370 8.42 9.17 -12.59
CA VAL A 370 9.81 8.84 -12.28
C VAL A 370 10.40 7.87 -13.30
N ASP A 371 11.71 7.71 -13.28
CA ASP A 371 12.37 6.74 -14.16
C ASP A 371 12.99 5.73 -13.21
N LEU A 372 12.35 4.57 -13.08
CA LEU A 372 12.77 3.51 -12.16
C LEU A 372 13.81 2.53 -12.68
N THR A 373 14.44 2.81 -13.84
CA THR A 373 15.50 1.92 -14.35
C THR A 373 16.62 1.86 -13.28
N ASP A 374 16.96 0.67 -12.83
CA ASP A 374 17.99 0.45 -11.80
C ASP A 374 17.67 1.04 -10.41
N ILE A 375 16.40 1.32 -10.14
CA ILE A 375 15.94 1.80 -8.83
C ILE A 375 15.02 0.75 -8.24
N ASP A 376 15.27 0.35 -6.98
CA ASP A 376 14.36 -0.56 -6.28
C ASP A 376 13.08 0.25 -5.99
N PRO A 377 11.89 -0.10 -6.54
CA PRO A 377 10.67 0.69 -6.23
C PRO A 377 10.42 0.87 -4.73
N ASP A 378 10.79 -0.11 -3.89
CA ASP A 378 10.59 0.00 -2.44
C ASP A 378 11.36 1.18 -1.83
N VAL A 379 12.54 1.49 -2.40
CA VAL A 379 13.42 2.58 -1.97
C VAL A 379 12.80 3.94 -2.38
N ALA A 380 12.09 3.97 -3.54
CA ALA A 380 11.47 5.18 -4.07
C ALA A 380 10.15 5.52 -3.37
N TYR A 381 9.50 4.52 -2.76
CA TYR A 381 8.19 4.70 -2.13
C TYR A 381 8.16 5.87 -1.13
N SER A 382 7.15 6.76 -1.26
CA SER A 382 6.93 7.94 -0.40
C SER A 382 5.53 8.51 -0.64
N SER A 383 5.24 9.62 0.02
CA SER A 383 4.00 10.39 -0.11
C SER A 383 3.90 11.13 -1.46
N VAL A 384 5.03 11.30 -2.16
CA VAL A 384 5.08 12.06 -3.42
C VAL A 384 4.00 11.64 -4.46
N PRO A 385 3.93 10.37 -4.93
CA PRO A 385 2.89 10.01 -5.93
C PRO A 385 1.46 10.22 -5.44
N TYR A 386 1.24 10.07 -4.12
CA TYR A 386 -0.05 10.27 -3.45
C TYR A 386 -0.43 11.75 -3.45
N GLU A 387 0.43 12.60 -2.86
CA GLU A 387 0.20 14.02 -2.60
C GLU A 387 0.46 14.95 -3.74
N LYS A 388 1.51 14.70 -4.53
CA LYS A 388 1.72 15.52 -5.73
C LYS A 388 0.68 15.12 -6.77
N GLY A 389 0.30 13.84 -6.79
CA GLY A 389 -0.75 13.34 -7.68
C GLY A 389 -2.07 13.97 -7.31
N PHE A 390 -2.42 13.91 -5.99
CA PHE A 390 -3.65 14.53 -5.50
C PHE A 390 -3.65 16.04 -5.81
N ALA A 391 -2.54 16.76 -5.48
CA ALA A 391 -2.45 18.22 -5.72
C ALA A 391 -2.69 18.59 -7.18
N LEU A 392 -2.18 17.78 -8.12
CA LEU A 392 -2.41 18.00 -9.55
C LEU A 392 -3.89 17.90 -9.88
N LEU A 393 -4.56 16.84 -9.37
CA LEU A 393 -5.98 16.65 -9.63
C LEU A 393 -6.86 17.71 -8.98
N PHE A 394 -6.49 18.13 -7.76
CA PHE A 394 -7.24 19.15 -7.03
C PHE A 394 -7.09 20.50 -7.74
N TYR A 395 -5.87 20.78 -8.22
CA TYR A 395 -5.56 21.98 -9.01
C TYR A 395 -6.42 21.99 -10.27
N LEU A 396 -6.47 20.85 -11.00
CA LEU A 396 -7.28 20.71 -12.23
C LEU A 396 -8.76 20.90 -11.94
N GLU A 397 -9.26 20.32 -10.82
CA GLU A 397 -10.66 20.48 -10.40
C GLU A 397 -11.05 21.96 -10.29
N GLN A 398 -10.19 22.74 -9.62
CA GLN A 398 -10.42 24.19 -9.43
C GLN A 398 -10.34 24.96 -10.75
N LEU A 399 -9.38 24.58 -11.61
CA LEU A 399 -9.16 25.18 -12.92
C LEU A 399 -10.33 24.94 -13.87
N LEU A 400 -10.90 23.73 -13.82
CA LEU A 400 -11.94 23.24 -14.71
C LEU A 400 -13.42 23.47 -14.36
N GLY A 401 -13.70 24.11 -13.22
CA GLY A 401 -15.07 24.43 -12.84
C GLY A 401 -15.64 23.80 -11.57
N GLY A 402 -14.82 23.06 -10.83
CA GLY A 402 -15.23 22.51 -9.55
C GLY A 402 -15.38 21.00 -9.46
N PRO A 403 -15.72 20.53 -8.23
CA PRO A 403 -15.81 19.08 -7.98
C PRO A 403 -16.82 18.30 -8.78
N GLU A 404 -18.04 18.84 -9.00
CA GLU A 404 -19.07 18.12 -9.78
C GLU A 404 -18.60 17.84 -11.21
N ILE A 405 -17.97 18.87 -11.84
CA ILE A 405 -17.43 18.78 -13.20
C ILE A 405 -16.27 17.76 -13.25
N PHE A 406 -15.29 17.89 -12.34
CA PHE A 406 -14.13 17.01 -12.28
C PHE A 406 -14.47 15.56 -11.96
N LEU A 407 -15.52 15.33 -11.14
CA LEU A 407 -16.00 13.97 -10.83
C LEU A 407 -16.62 13.33 -12.08
N GLY A 408 -17.19 14.14 -12.96
CA GLY A 408 -17.74 13.67 -14.23
C GLY A 408 -16.61 13.09 -15.08
N PHE A 409 -15.44 13.78 -15.10
CA PHE A 409 -14.24 13.30 -15.81
C PHE A 409 -13.76 12.00 -15.18
N LEU A 410 -13.70 11.95 -13.83
CA LEU A 410 -13.20 10.75 -13.15
C LEU A 410 -14.03 9.52 -13.48
N LYS A 411 -15.36 9.66 -13.51
CA LYS A 411 -16.22 8.51 -13.83
C LYS A 411 -16.01 8.07 -15.28
N ALA A 412 -15.90 9.03 -16.22
CA ALA A 412 -15.68 8.73 -17.65
C ALA A 412 -14.31 8.07 -17.86
N TYR A 413 -13.28 8.54 -17.10
CA TYR A 413 -11.91 8.03 -17.13
C TYR A 413 -11.88 6.56 -16.72
N VAL A 414 -12.54 6.24 -15.60
CA VAL A 414 -12.66 4.85 -15.10
C VAL A 414 -13.40 3.99 -16.14
N GLU A 415 -14.48 4.51 -16.72
CA GLU A 415 -15.23 3.74 -17.73
C GLU A 415 -14.37 3.47 -18.99
N LYS A 416 -13.67 4.51 -19.47
CA LYS A 416 -12.81 4.45 -20.64
C LYS A 416 -11.68 3.41 -20.51
N PHE A 417 -11.01 3.40 -19.35
CA PHE A 417 -9.85 2.56 -19.16
C PHE A 417 -10.02 1.31 -18.29
N SER A 418 -11.28 0.97 -17.91
CA SER A 418 -11.53 -0.25 -17.12
C SER A 418 -10.90 -1.49 -17.78
N TYR A 419 -10.24 -2.35 -16.95
CA TYR A 419 -9.59 -3.59 -17.39
C TYR A 419 -8.34 -3.36 -18.24
N LYS A 420 -7.85 -2.11 -18.29
CA LYS A 420 -6.65 -1.78 -19.07
C LYS A 420 -5.53 -1.26 -18.17
N SER A 421 -4.32 -1.21 -18.74
CA SER A 421 -3.10 -0.67 -18.10
C SER A 421 -2.65 0.51 -18.99
N ILE A 422 -2.51 1.70 -18.38
CA ILE A 422 -2.26 2.96 -19.07
C ILE A 422 -1.05 3.76 -18.56
N THR A 423 -0.60 4.73 -19.37
CA THR A 423 0.50 5.62 -19.02
C THR A 423 -0.03 7.02 -18.71
N THR A 424 0.88 7.93 -18.28
CA THR A 424 0.55 9.34 -18.03
C THR A 424 0.05 10.01 -19.32
N ASP A 425 0.65 9.66 -20.49
CA ASP A 425 0.20 10.21 -21.78
C ASP A 425 -1.23 9.79 -22.15
N ASP A 426 -1.63 8.53 -21.82
CA ASP A 426 -3.01 8.04 -22.06
C ASP A 426 -3.98 8.86 -21.22
N TRP A 427 -3.63 9.08 -19.93
CA TRP A 427 -4.45 9.89 -19.03
C TRP A 427 -4.55 11.30 -19.58
N LYS A 428 -3.43 11.93 -19.94
CA LYS A 428 -3.45 13.36 -20.38
C LYS A 428 -4.27 13.52 -21.65
N ASP A 429 -4.09 12.60 -22.59
CA ASP A 429 -4.86 12.60 -23.85
C ASP A 429 -6.38 12.57 -23.60
N PHE A 430 -6.83 11.69 -22.68
CA PHE A 430 -8.27 11.59 -22.37
C PHE A 430 -8.76 12.84 -21.65
N LEU A 431 -7.95 13.37 -20.74
CA LEU A 431 -8.31 14.64 -20.05
C LEU A 431 -8.55 15.69 -21.14
N TYR A 432 -7.63 15.78 -22.10
CA TYR A 432 -7.76 16.77 -23.19
C TYR A 432 -9.00 16.49 -24.05
N SER A 433 -9.28 15.21 -24.32
CA SER A 433 -10.45 14.82 -25.12
C SER A 433 -11.77 15.14 -24.36
N TYR A 434 -11.84 14.76 -23.07
CA TYR A 434 -13.01 15.01 -22.23
C TYR A 434 -13.29 16.51 -22.08
N PHE A 435 -12.21 17.29 -21.83
CA PHE A 435 -12.27 18.73 -21.64
C PHE A 435 -11.92 19.53 -22.90
N LYS A 436 -12.33 19.02 -24.07
CA LYS A 436 -12.08 19.65 -25.38
C LYS A 436 -12.56 21.12 -25.45
N ASP A 437 -13.67 21.44 -24.78
CA ASP A 437 -14.22 22.80 -24.73
C ASP A 437 -13.48 23.72 -23.76
N LYS A 438 -12.48 23.16 -23.05
CA LYS A 438 -11.66 23.89 -22.09
C LYS A 438 -10.15 23.65 -22.32
N VAL A 439 -9.76 23.38 -23.60
CA VAL A 439 -8.34 23.13 -23.95
C VAL A 439 -7.44 24.34 -23.67
N ASP A 440 -7.98 25.57 -23.86
CA ASP A 440 -7.25 26.81 -23.60
C ASP A 440 -6.90 26.94 -22.12
N VAL A 441 -7.80 26.46 -21.21
CA VAL A 441 -7.56 26.41 -19.77
C VAL A 441 -6.45 25.38 -19.51
N LEU A 442 -6.58 24.17 -20.12
CA LEU A 442 -5.60 23.08 -19.97
C LEU A 442 -4.22 23.46 -20.47
N ASN A 443 -4.15 24.29 -21.52
CA ASN A 443 -2.86 24.75 -22.08
C ASN A 443 -2.10 25.73 -21.19
N GLN A 444 -2.76 26.23 -20.13
CA GLN A 444 -2.11 27.10 -19.16
C GLN A 444 -1.42 26.32 -18.04
N VAL A 445 -1.65 25.00 -17.99
CA VAL A 445 -1.00 24.15 -16.99
C VAL A 445 0.47 23.97 -17.40
N ASP A 446 1.40 24.13 -16.43
CA ASP A 446 2.82 23.89 -16.71
C ASP A 446 3.02 22.36 -16.56
N TRP A 447 2.69 21.61 -17.63
CA TRP A 447 2.76 20.15 -17.66
C TRP A 447 4.14 19.60 -17.40
N ASN A 448 5.19 20.15 -18.05
CA ASN A 448 6.57 19.72 -17.83
C ASN A 448 6.95 19.80 -16.35
N ALA A 449 6.57 20.90 -15.64
CA ALA A 449 6.89 21.09 -14.24
C ALA A 449 6.11 20.10 -13.35
N TRP A 450 4.79 20.08 -13.51
CA TRP A 450 3.89 19.20 -12.77
C TRP A 450 4.26 17.73 -12.86
N LEU A 451 4.46 17.24 -14.09
CA LEU A 451 4.76 15.83 -14.35
C LEU A 451 6.22 15.40 -14.20
N TYR A 452 7.17 16.23 -14.65
CA TYR A 452 8.58 15.84 -14.75
C TYR A 452 9.61 16.58 -13.92
N SER A 453 9.21 17.66 -13.24
CA SER A 453 10.15 18.41 -12.42
C SER A 453 10.16 17.98 -10.96
N PRO A 454 11.34 18.03 -10.32
CA PRO A 454 11.40 17.73 -8.89
C PRO A 454 10.86 18.91 -8.06
N GLY A 455 10.70 18.68 -6.76
CA GLY A 455 10.29 19.69 -5.80
C GLY A 455 8.80 19.89 -5.65
N LEU A 456 8.44 21.00 -5.01
CA LEU A 456 7.04 21.35 -4.80
C LEU A 456 6.41 21.76 -6.13
N PRO A 457 5.10 21.45 -6.34
CA PRO A 457 4.46 21.85 -7.62
C PRO A 457 4.58 23.35 -7.89
N PRO A 458 4.49 23.80 -9.17
CA PRO A 458 4.64 25.24 -9.45
C PRO A 458 3.51 26.12 -8.92
N ILE A 459 2.31 25.54 -8.72
CA ILE A 459 1.13 26.25 -8.22
C ILE A 459 0.52 25.49 -7.04
N LYS A 460 0.15 26.23 -6.01
CA LYS A 460 -0.53 25.63 -4.87
C LYS A 460 -2.03 25.89 -5.04
N PRO A 461 -2.88 24.85 -4.94
CA PRO A 461 -4.34 25.07 -5.04
C PRO A 461 -4.91 25.95 -3.92
N ASN A 462 -6.18 26.37 -4.06
CA ASN A 462 -6.87 27.16 -3.02
C ASN A 462 -7.55 26.21 -2.03
N TYR A 463 -7.33 26.43 -0.74
CA TYR A 463 -7.89 25.55 0.29
C TYR A 463 -8.68 26.35 1.29
N ASP A 464 -9.88 25.86 1.60
CA ASP A 464 -10.70 26.42 2.67
C ASP A 464 -9.92 26.16 3.97
N MET A 465 -9.84 27.16 4.84
CA MET A 465 -9.05 27.11 6.08
C MET A 465 -9.86 26.88 7.34
N THR A 466 -11.21 26.81 7.23
CA THR A 466 -12.10 26.72 8.41
C THR A 466 -11.66 25.77 9.51
N LEU A 467 -11.40 24.50 9.18
CA LEU A 467 -11.01 23.52 10.17
C LEU A 467 -9.53 23.54 10.56
N THR A 468 -8.70 24.16 9.73
CA THR A 468 -7.25 24.21 9.95
C THR A 468 -6.87 25.37 10.88
N ASN A 469 -7.62 26.48 10.82
CA ASN A 469 -7.35 27.67 11.63
C ASN A 469 -7.02 27.45 13.11
N ALA A 470 -7.84 26.65 13.84
CA ALA A 470 -7.60 26.37 15.25
C ALA A 470 -6.31 25.57 15.48
N CYS A 471 -5.91 24.70 14.51
CA CYS A 471 -4.67 23.90 14.63
C CYS A 471 -3.46 24.80 14.50
N ILE A 472 -3.48 25.68 13.49
CA ILE A 472 -2.41 26.64 13.23
C ILE A 472 -2.30 27.59 14.41
N ALA A 473 -3.45 28.10 14.92
CA ALA A 473 -3.43 29.05 16.04
C ALA A 473 -2.78 28.45 17.29
N LEU A 474 -3.15 27.20 17.65
CA LEU A 474 -2.56 26.57 18.83
C LEU A 474 -1.08 26.22 18.65
N SER A 475 -0.69 25.73 17.46
CA SER A 475 0.69 25.40 17.14
C SER A 475 1.52 26.71 17.26
N GLN A 476 1.03 27.81 16.69
CA GLN A 476 1.74 29.10 16.76
C GLN A 476 1.86 29.65 18.18
N ARG A 477 0.83 29.42 19.03
CA ARG A 477 0.86 29.83 20.45
C ARG A 477 2.03 29.10 21.13
N TRP A 478 2.18 27.80 20.87
CA TRP A 478 3.27 27.01 21.47
C TRP A 478 4.66 27.41 20.95
N ILE A 479 4.79 27.59 19.62
CA ILE A 479 6.06 27.93 18.98
C ILE A 479 6.58 29.30 19.44
N THR A 480 5.68 30.31 19.57
CA THR A 480 6.05 31.67 19.98
C THR A 480 6.06 31.87 21.52
N ALA A 481 5.63 30.84 22.28
CA ALA A 481 5.59 30.93 23.75
C ALA A 481 7.00 30.97 24.32
N LYS A 482 7.21 31.84 25.33
CA LYS A 482 8.44 31.89 26.09
C LYS A 482 8.17 31.15 27.40
N GLU A 483 9.19 31.02 28.26
CA GLU A 483 8.99 30.31 29.54
C GLU A 483 7.84 30.91 30.35
N ASP A 484 7.73 32.26 30.40
CA ASP A 484 6.68 32.93 31.19
C ASP A 484 5.26 32.79 30.62
N ASP A 485 5.11 32.12 29.45
CA ASP A 485 3.80 31.84 28.82
C ASP A 485 3.30 30.41 29.01
N LEU A 486 4.19 29.49 29.46
CA LEU A 486 3.87 28.08 29.61
C LEU A 486 2.71 27.80 30.57
N ASN A 487 2.58 28.63 31.63
CA ASN A 487 1.50 28.50 32.62
C ASN A 487 0.11 28.81 32.01
N SER A 488 0.07 29.55 30.91
CA SER A 488 -1.18 29.91 30.23
C SER A 488 -1.82 28.74 29.47
N PHE A 489 -1.06 27.66 29.18
CA PHE A 489 -1.61 26.50 28.51
C PHE A 489 -2.34 25.61 29.53
N ASN A 490 -3.43 24.98 29.09
CA ASN A 490 -4.31 24.15 29.92
C ASN A 490 -5.03 23.13 29.04
N ALA A 491 -5.55 22.05 29.65
CA ALA A 491 -6.30 21.01 28.93
C ALA A 491 -7.48 21.58 28.13
N THR A 492 -8.03 22.75 28.54
CA THR A 492 -9.17 23.40 27.85
C THR A 492 -8.83 23.88 26.43
N ASP A 493 -7.52 24.09 26.12
CA ASP A 493 -7.07 24.46 24.77
C ASP A 493 -7.55 23.41 23.73
N LEU A 494 -7.71 22.13 24.14
CA LEU A 494 -8.09 21.02 23.25
C LEU A 494 -9.58 20.69 23.19
N LYS A 495 -10.41 21.31 24.04
CA LYS A 495 -11.82 20.93 24.15
C LYS A 495 -12.66 20.95 22.87
N ASP A 496 -12.36 21.86 21.94
CA ASP A 496 -13.12 21.97 20.71
C ASP A 496 -12.42 21.33 19.50
N LEU A 497 -11.32 20.60 19.73
CA LEU A 497 -10.58 19.97 18.65
C LEU A 497 -10.93 18.49 18.48
N SER A 498 -11.20 18.07 17.24
CA SER A 498 -11.46 16.67 16.92
C SER A 498 -10.09 15.96 16.95
N SER A 499 -10.10 14.61 16.87
CA SER A 499 -8.84 13.87 16.83
C SER A 499 -8.03 14.28 15.58
N HIS A 500 -8.72 14.60 14.46
CA HIS A 500 -8.10 15.01 13.20
C HIS A 500 -7.37 16.35 13.41
N GLN A 501 -8.03 17.29 14.11
CA GLN A 501 -7.45 18.60 14.43
C GLN A 501 -6.28 18.48 15.41
N LEU A 502 -6.36 17.54 16.36
CA LEU A 502 -5.27 17.29 17.29
C LEU A 502 -4.04 16.78 16.52
N ASN A 503 -4.29 15.87 15.58
CA ASN A 503 -3.23 15.34 14.72
C ASN A 503 -2.61 16.45 13.89
N GLU A 504 -3.43 17.37 13.33
CA GLU A 504 -2.96 18.48 12.51
C GLU A 504 -2.16 19.48 13.33
N PHE A 505 -2.60 19.75 14.58
CA PHE A 505 -1.85 20.61 15.50
C PHE A 505 -0.46 19.99 15.71
N LEU A 506 -0.38 18.66 15.92
CA LEU A 506 0.94 18.01 16.10
C LEU A 506 1.80 18.09 14.85
N ALA A 507 1.19 17.85 13.66
CA ALA A 507 1.90 17.90 12.40
C ALA A 507 2.49 19.31 12.16
N GLN A 508 1.69 20.36 12.41
CA GLN A 508 2.11 21.76 12.26
C GLN A 508 3.31 22.05 13.19
N THR A 509 3.23 21.62 14.43
CA THR A 509 4.28 21.83 15.44
C THR A 509 5.56 21.06 15.09
N LEU A 510 5.38 19.80 14.64
CA LEU A 510 6.47 18.93 14.20
C LEU A 510 7.28 19.53 13.04
N GLN A 511 6.61 20.27 12.12
CA GLN A 511 7.28 20.95 11.01
C GLN A 511 8.29 22.04 11.49
N ARG A 512 8.14 22.52 12.75
CA ARG A 512 9.01 23.53 13.36
C ARG A 512 9.86 22.95 14.48
N ALA A 513 9.90 21.60 14.59
CA ALA A 513 10.68 20.92 15.64
C ALA A 513 12.18 21.07 15.38
N PRO A 514 13.02 21.13 16.43
CA PRO A 514 12.66 20.99 17.86
C PRO A 514 12.01 22.21 18.49
N LEU A 515 11.26 21.98 19.57
CA LEU A 515 10.79 23.04 20.46
C LEU A 515 11.63 22.88 21.74
N PRO A 516 11.73 23.90 22.61
CA PRO A 516 12.50 23.71 23.84
C PRO A 516 11.94 22.55 24.67
N LEU A 517 12.83 21.87 25.37
CA LEU A 517 12.45 20.74 26.22
C LEU A 517 11.36 21.12 27.25
N GLY A 518 11.47 22.30 27.85
CA GLY A 518 10.47 22.79 28.81
C GLY A 518 9.07 22.91 28.20
N HIS A 519 9.00 23.24 26.91
CA HIS A 519 7.70 23.34 26.23
C HIS A 519 7.08 21.96 26.08
N ILE A 520 7.89 20.97 25.63
CA ILE A 520 7.42 19.61 25.42
C ILE A 520 6.97 18.99 26.76
N LYS A 521 7.73 19.22 27.83
CA LYS A 521 7.35 18.74 29.17
C LYS A 521 6.02 19.34 29.60
N ARG A 522 5.83 20.65 29.33
CA ARG A 522 4.58 21.34 29.67
C ARG A 522 3.41 20.74 28.89
N MET A 523 3.61 20.44 27.60
CA MET A 523 2.60 19.82 26.72
C MET A 523 2.14 18.48 27.30
N GLN A 524 3.05 17.66 27.85
CA GLN A 524 2.65 16.39 28.45
C GLN A 524 1.85 16.66 29.74
N GLU A 525 2.29 17.63 30.55
CA GLU A 525 1.67 18.02 31.81
C GLU A 525 0.20 18.46 31.61
N VAL A 526 -0.06 19.29 30.60
CA VAL A 526 -1.41 19.81 30.36
C VAL A 526 -2.30 18.98 29.43
N TYR A 527 -1.70 18.30 28.46
CA TYR A 527 -2.47 17.57 27.45
C TYR A 527 -2.48 16.06 27.60
N ASN A 528 -1.53 15.51 28.35
CA ASN A 528 -1.38 14.07 28.58
C ASN A 528 -1.37 13.27 27.25
N PHE A 529 -0.57 13.77 26.28
CA PHE A 529 -0.45 13.12 24.99
C PHE A 529 0.09 11.68 25.12
N ASN A 530 0.89 11.36 26.18
CA ASN A 530 1.40 9.99 26.40
C ASN A 530 0.26 8.97 26.55
N ALA A 531 -0.93 9.39 27.01
CA ALA A 531 -2.08 8.49 27.18
C ALA A 531 -2.85 8.21 25.88
N ILE A 532 -2.52 8.89 24.77
CA ILE A 532 -3.27 8.73 23.51
C ILE A 532 -2.84 7.45 22.79
N ASN A 533 -3.80 6.58 22.43
CA ASN A 533 -3.57 5.31 21.72
C ASN A 533 -3.61 5.46 20.20
N ASN A 534 -4.28 6.52 19.71
CA ASN A 534 -4.41 6.78 18.28
C ASN A 534 -2.98 6.80 17.67
N SER A 535 -2.69 5.85 16.76
CA SER A 535 -1.35 5.67 16.21
C SER A 535 -0.79 6.89 15.49
N GLU A 536 -1.61 7.60 14.71
CA GLU A 536 -1.17 8.80 13.99
C GLU A 536 -0.76 9.89 14.96
N ILE A 537 -1.60 10.15 15.97
CA ILE A 537 -1.32 11.17 16.98
C ILE A 537 -0.09 10.77 17.80
N ARG A 538 -0.06 9.54 18.32
CA ARG A 538 1.06 9.06 19.13
C ARG A 538 2.37 9.12 18.35
N PHE A 539 2.34 8.73 17.07
CA PHE A 539 3.53 8.80 16.20
C PHE A 539 4.09 10.22 16.15
N ARG A 540 3.25 11.23 15.80
CA ARG A 540 3.70 12.62 15.69
C ARG A 540 4.18 13.17 17.06
N TRP A 541 3.43 12.86 18.15
CA TRP A 541 3.81 13.28 19.48
C TRP A 541 5.18 12.70 19.85
N LEU A 542 5.42 11.41 19.57
CA LEU A 542 6.73 10.82 19.92
C LEU A 542 7.89 11.37 19.08
N ARG A 543 7.63 11.66 17.80
CA ARG A 543 8.65 12.29 16.93
C ARG A 543 8.98 13.67 17.52
N LEU A 544 7.94 14.42 17.93
CA LEU A 544 8.11 15.75 18.51
C LEU A 544 8.97 15.65 19.77
N CYS A 545 8.69 14.67 20.64
CA CYS A 545 9.47 14.49 21.87
C CYS A 545 10.95 14.16 21.61
N ILE A 546 11.20 13.20 20.69
CA ILE A 546 12.56 12.75 20.36
C ILE A 546 13.37 13.85 19.69
N GLN A 547 12.77 14.53 18.69
CA GLN A 547 13.46 15.63 18.01
C GLN A 547 13.72 16.79 18.98
N SER A 548 12.90 16.92 20.03
CA SER A 548 13.09 17.95 21.08
C SER A 548 13.98 17.46 22.24
N LYS A 549 14.65 16.31 22.03
CA LYS A 549 15.66 15.76 22.94
C LYS A 549 15.14 15.35 24.34
N TRP A 550 13.89 14.87 24.43
CA TRP A 550 13.34 14.39 25.70
C TRP A 550 13.69 12.92 25.91
N GLU A 551 14.64 12.67 26.82
CA GLU A 551 15.09 11.30 27.11
C GLU A 551 14.00 10.36 27.59
N ASP A 552 13.00 10.87 28.34
CA ASP A 552 11.87 10.08 28.86
C ASP A 552 11.06 9.43 27.74
N ALA A 553 11.03 10.05 26.54
CA ALA A 553 10.29 9.53 25.39
C ALA A 553 11.01 8.37 24.70
N ILE A 554 12.33 8.20 24.94
CA ILE A 554 13.14 7.16 24.27
C ILE A 554 12.48 5.76 24.41
N PRO A 555 12.11 5.26 25.62
CA PRO A 555 11.51 3.91 25.70
C PRO A 555 10.16 3.82 25.02
N LEU A 556 9.38 4.93 25.03
CA LEU A 556 8.08 4.97 24.36
C LEU A 556 8.26 4.89 22.85
N ALA A 557 9.22 5.67 22.29
CA ALA A 557 9.48 5.68 20.84
C ALA A 557 10.06 4.33 20.37
N LEU A 558 10.96 3.71 21.18
CA LEU A 558 11.51 2.40 20.83
C LEU A 558 10.41 1.33 20.82
N LYS A 559 9.47 1.38 21.81
CA LYS A 559 8.35 0.45 21.93
C LYS A 559 7.43 0.61 20.72
N MET A 560 7.06 1.83 20.36
CA MET A 560 6.18 1.99 19.19
C MET A 560 6.86 1.53 17.89
N ALA A 561 8.16 1.80 17.73
CA ALA A 561 8.90 1.43 16.53
C ALA A 561 8.98 -0.07 16.33
N THR A 562 8.95 -0.84 17.43
CA THR A 562 9.11 -2.31 17.37
C THR A 562 7.84 -3.13 17.62
N GLU A 563 6.86 -2.59 18.39
CA GLU A 563 5.62 -3.32 18.70
C GLU A 563 4.68 -3.35 17.48
N GLN A 564 4.96 -2.49 16.50
CA GLN A 564 4.26 -2.46 15.20
C GLN A 564 5.29 -2.21 14.11
N GLY A 565 4.93 -2.47 12.86
CA GLY A 565 5.87 -2.37 11.75
C GLY A 565 5.36 -1.61 10.56
N ARG A 566 4.34 -0.75 10.76
CA ARG A 566 3.84 0.05 9.64
C ARG A 566 4.97 1.00 9.29
N MET A 567 5.48 0.91 8.04
CA MET A 567 6.65 1.69 7.62
C MET A 567 6.58 3.17 7.84
N LYS A 568 5.37 3.74 7.65
CA LYS A 568 5.07 5.14 7.88
C LYS A 568 5.48 5.58 9.31
N PHE A 569 5.34 4.67 10.31
CA PHE A 569 5.68 4.95 11.68
C PHE A 569 7.08 4.46 12.06
N THR A 570 7.36 3.17 11.83
CA THR A 570 8.63 2.52 12.17
C THR A 570 9.84 3.24 11.58
N ARG A 571 9.83 3.57 10.27
CA ARG A 571 11.01 4.19 9.64
C ARG A 571 11.37 5.57 10.24
N PRO A 572 10.45 6.56 10.32
CA PRO A 572 10.84 7.86 10.91
C PRO A 572 11.15 7.74 12.40
N LEU A 573 10.46 6.84 13.14
CA LEU A 573 10.79 6.66 14.57
C LEU A 573 12.24 6.16 14.75
N PHE A 574 12.62 5.13 13.99
CA PHE A 574 14.01 4.66 14.04
C PHE A 574 15.02 5.75 13.62
N LYS A 575 14.71 6.52 12.55
CA LYS A 575 15.59 7.60 12.08
C LYS A 575 15.75 8.70 13.14
N ASP A 576 14.64 9.15 13.76
CA ASP A 576 14.67 10.17 14.84
C ASP A 576 15.49 9.65 16.03
N LEU A 577 15.27 8.37 16.44
CA LEU A 577 16.03 7.75 17.54
C LEU A 577 17.52 7.62 17.21
N ALA A 578 17.86 7.31 15.94
CA ALA A 578 19.27 7.24 15.50
C ALA A 578 19.91 8.63 15.50
N ALA A 579 19.14 9.69 15.19
CA ALA A 579 19.63 11.07 15.12
C ALA A 579 19.83 11.71 16.50
N PHE A 580 19.17 11.17 17.56
CA PHE A 580 19.28 11.63 18.94
C PHE A 580 20.43 10.87 19.60
N ASP A 581 21.52 11.59 19.95
CA ASP A 581 22.73 10.99 20.53
C ASP A 581 22.45 10.09 21.73
N LYS A 582 21.48 10.48 22.59
CA LYS A 582 21.10 9.69 23.77
C LYS A 582 20.45 8.33 23.44
N SER A 583 19.81 8.21 22.27
CA SER A 583 19.15 6.97 21.89
C SER A 583 19.82 6.26 20.69
N HIS A 584 20.86 6.87 20.08
CA HIS A 584 21.47 6.32 18.87
C HIS A 584 21.83 4.85 19.02
N ASP A 585 22.62 4.53 20.04
CA ASP A 585 23.07 3.16 20.30
C ASP A 585 21.90 2.19 20.51
N GLN A 586 20.88 2.63 21.26
CA GLN A 586 19.70 1.81 21.54
C GLN A 586 18.89 1.54 20.27
N ALA A 587 18.80 2.55 19.38
CA ALA A 587 18.09 2.42 18.11
C ALA A 587 18.73 1.33 17.23
N VAL A 588 20.07 1.42 17.04
CA VAL A 588 20.88 0.45 16.28
C VAL A 588 20.76 -0.94 16.91
N ARG A 589 20.95 -1.05 18.26
CA ARG A 589 20.88 -2.35 18.95
C ARG A 589 19.49 -2.99 18.83
N THR A 590 18.43 -2.21 19.02
CA THR A 590 17.04 -2.67 18.94
C THR A 590 16.75 -3.18 17.55
N TYR A 591 17.20 -2.45 16.50
CA TYR A 591 17.01 -2.88 15.13
C TYR A 591 17.68 -4.27 14.93
N GLN A 592 18.97 -4.40 15.32
CA GLN A 592 19.74 -5.64 15.19
C GLN A 592 19.06 -6.83 15.89
N GLU A 593 18.52 -6.60 17.10
CA GLU A 593 17.81 -7.60 17.90
C GLU A 593 16.48 -8.06 17.26
N HIS A 594 15.74 -7.11 16.63
CA HIS A 594 14.45 -7.38 16.02
C HIS A 594 14.50 -7.76 14.53
N LYS A 595 15.63 -7.49 13.84
CA LYS A 595 15.82 -7.70 12.41
C LYS A 595 15.28 -9.06 11.90
N ALA A 596 15.63 -10.16 12.59
CA ALA A 596 15.23 -11.53 12.20
C ALA A 596 13.69 -11.76 12.23
N SER A 597 12.99 -11.04 13.12
CA SER A 597 11.55 -11.10 13.36
C SER A 597 10.73 -10.11 12.53
N MET A 598 11.40 -9.23 11.77
CA MET A 598 10.74 -8.18 10.99
C MET A 598 10.32 -8.64 9.61
N HIS A 599 9.40 -7.88 8.97
CA HIS A 599 8.98 -8.05 7.59
C HIS A 599 10.25 -7.82 6.73
N PRO A 600 10.51 -8.64 5.68
CA PRO A 600 11.76 -8.47 4.91
C PRO A 600 11.96 -7.10 4.26
N VAL A 601 10.90 -6.47 3.74
CA VAL A 601 11.06 -5.17 3.11
C VAL A 601 11.37 -4.09 4.18
N THR A 602 10.59 -4.09 5.28
CA THR A 602 10.79 -3.16 6.40
C THR A 602 12.21 -3.30 6.95
N ALA A 603 12.70 -4.54 7.17
CA ALA A 603 14.04 -4.83 7.67
C ALA A 603 15.09 -4.19 6.74
N MET A 604 14.91 -4.38 5.41
CA MET A 604 15.86 -3.84 4.44
C MET A 604 15.87 -2.30 4.50
N LEU A 605 14.68 -1.68 4.51
CA LEU A 605 14.56 -0.23 4.50
C LEU A 605 15.07 0.45 5.76
N VAL A 606 14.72 -0.11 6.94
CA VAL A 606 15.20 0.43 8.23
C VAL A 606 16.74 0.30 8.27
N GLY A 607 17.27 -0.82 7.74
CA GLY A 607 18.71 -1.06 7.64
C GLY A 607 19.42 0.04 6.87
N LYS A 608 18.87 0.38 5.67
CA LYS A 608 19.37 1.47 4.82
C LYS A 608 19.27 2.81 5.55
N ASP A 609 18.12 3.10 6.19
CA ASP A 609 17.91 4.35 6.92
C ASP A 609 18.93 4.54 8.04
N LEU A 610 19.23 3.47 8.79
CA LEU A 610 20.16 3.50 9.92
C LEU A 610 21.63 3.31 9.50
N LYS A 611 21.89 2.98 8.21
CA LYS A 611 23.23 2.66 7.65
C LYS A 611 23.84 1.49 8.43
N VAL A 612 23.03 0.44 8.66
CA VAL A 612 23.38 -0.78 9.38
C VAL A 612 23.17 -1.91 8.38
N ASP A 613 24.26 -2.57 7.96
CA ASP A 613 24.19 -3.65 6.97
C ASP A 613 23.97 -5.06 7.59
ZN ZN B . -3.16 3.55 -2.53
C ACT C . 9.73 36.85 27.30
O ACT C . 9.04 37.51 26.50
OXT ACT C . 9.27 36.23 28.27
CH3 ACT C . 11.24 36.71 27.02
YB YB D . 7.07 37.17 28.26
YB YB E . -18.40 -22.18 -6.67
N1 IMD F . 1.39 17.46 7.63
C2 IMD F . 0.17 17.91 7.82
N3 IMD F . 0.25 19.19 8.14
C4 IMD F . 1.56 19.56 8.13
C5 IMD F . 2.28 18.47 7.82
N1 IMD G . -7.12 11.52 12.09
C2 IMD G . -7.63 11.26 13.28
N3 IMD G . -6.65 11.02 14.12
C4 IMD G . -5.48 11.13 13.45
C5 IMD G . -5.76 11.45 12.18
C1 A1H3S H . 7.02 7.48 -7.38
C2 A1H3S H . 6.95 5.98 -7.16
C3 A1H3S H . 6.62 5.09 -8.15
C11 A1H3S H . 7.59 9.51 -7.17
C13 A1H3S H . 6.10 1.29 -5.43
C14 A1H3S H . 4.75 1.32 -5.29
C15 A1H3S H . 4.11 0.69 -4.24
C16 A1H3S H . 4.83 0.02 -3.27
C17 A1H3S H . 6.20 -0.01 -3.37
C18 A1H3S H . 6.83 0.61 -4.43
C4 A1H3S H . 6.57 3.75 -7.92
C5 A1H3S H . 6.80 3.20 -6.68
C6 A1H3S H . 7.08 4.08 -5.66
C7 A1H3S H . 7.15 5.45 -5.91
O8 A1H3S H . 6.72 1.88 -6.48
C9 A1H3S H . 6.36 8.16 -8.31
N10 A1H3S H . 6.78 9.49 -8.08
N12 A1H3S H . 7.75 8.32 -6.74
#